data_4TWT
#
_entry.id   4TWT
#
_cell.length_a   78.444
_cell.length_b   78.444
_cell.length_c   230.375
_cell.angle_alpha   90.00
_cell.angle_beta   90.00
_cell.angle_gamma   120.00
#
_symmetry.space_group_name_H-M   'P 32 2 1'
#
loop_
_entity.id
_entity.type
_entity.pdbx_description
1 polymer 'Tumor necrosis factor'
2 polymer ALA-CYS-PRO-PRO-CYS-LEU-TRP-GLN-VAL-LEU-CYS-GLY
3 non-polymer GLYCEROL
4 non-polymer (2,4,6-trimethylbenzene-1,3,5-triyl)trimethanol
5 water water
#
loop_
_entity_poly.entity_id
_entity_poly.type
_entity_poly.pdbx_seq_one_letter_code
_entity_poly.pdbx_strand_id
1 'polypeptide(L)'
;VRSSSRTPSDKPVAHVVANPQAEGQLQWLNRRANALLANGVELRDNQLVVPSEGLYLIYSQVLFKGQGCPSTHVLLTHTI
SRIAVSYQTKVNLLSAIKSPCQRETPEGAEAKPWYEPIYLGGVFQLEKGDRLSAEINRPDYLDFAESGQVYFGIIAL
;
A,B,C,D
2 'polypeptide(L)' ACPPCLWQVLCG E,F
#
# COMPACT_ATOMS: atom_id res chain seq x y z
N PRO A 8 -22.51 12.64 19.53
CA PRO A 8 -23.12 12.20 18.29
C PRO A 8 -22.13 12.07 17.14
N SER A 9 -21.37 10.98 17.17
CA SER A 9 -20.55 10.57 16.03
C SER A 9 -21.23 9.39 15.37
N ASP A 10 -21.66 9.55 14.12
CA ASP A 10 -22.32 8.49 13.38
C ASP A 10 -21.36 7.61 12.60
N LYS A 11 -20.04 7.85 12.64
CA LYS A 11 -19.08 7.03 11.86
C LYS A 11 -18.77 5.72 12.55
N PRO A 12 -18.71 4.64 11.80
CA PRO A 12 -18.37 3.44 12.51
C PRO A 12 -16.92 3.48 12.99
N VAL A 13 -16.68 2.96 14.19
CA VAL A 13 -15.35 2.98 14.75
C VAL A 13 -15.16 1.87 15.76
N ALA A 14 -13.92 1.46 15.98
CA ALA A 14 -13.65 0.39 16.92
C ALA A 14 -12.21 0.41 17.41
N HIS A 15 -12.05 0.00 18.66
CA HIS A 15 -10.74 -0.11 19.29
C HIS A 15 -10.84 -1.23 20.29
N VAL A 16 -10.16 -2.33 19.99
CA VAL A 16 -10.15 -3.49 20.87
C VAL A 16 -8.76 -3.75 21.40
N VAL A 17 -8.71 -4.44 22.53
CA VAL A 17 -7.45 -4.71 23.21
C VAL A 17 -7.28 -6.18 23.53
N ALA A 18 -6.03 -6.54 23.76
CA ALA A 18 -5.68 -7.93 24.02
C ALA A 18 -6.28 -8.32 25.37
N ASN A 19 -6.80 -9.53 25.45
CA ASN A 19 -7.22 -10.11 26.74
C ASN A 19 -6.01 -10.63 27.46
N PRO A 20 -5.62 -9.98 28.56
CA PRO A 20 -4.35 -10.38 29.24
C PRO A 20 -4.48 -11.68 30.01
N GLN A 21 -5.71 -12.18 30.15
CA GLN A 21 -5.98 -13.43 30.83
C GLN A 21 -5.80 -14.63 29.88
N ALA A 22 -5.87 -14.38 28.56
CA ALA A 22 -5.66 -15.42 27.58
C ALA A 22 -4.17 -15.63 27.53
N GLU A 23 -3.70 -16.84 27.80
CA GLU A 23 -2.28 -17.16 27.79
C GLU A 23 -1.84 -17.77 26.45
N GLY A 24 -0.74 -17.26 25.89
CA GLY A 24 -0.23 -17.72 24.58
C GLY A 24 -1.20 -17.58 23.41
N GLN A 25 -1.97 -16.51 23.42
CA GLN A 25 -2.97 -16.29 22.42
C GLN A 25 -3.21 -14.80 22.30
N LEU A 26 -3.47 -14.35 21.07
CA LEU A 26 -3.82 -12.96 20.85
C LEU A 26 -5.33 -12.90 20.73
N GLN A 27 -6.03 -12.70 21.86
CA GLN A 27 -7.49 -12.64 21.86
C GLN A 27 -8.00 -11.22 22.10
N TRP A 28 -8.73 -10.69 21.13
CA TRP A 28 -9.21 -9.29 21.20
C TRP A 28 -10.45 -9.17 22.04
N LEU A 29 -10.56 -8.08 22.78
CA LEU A 29 -11.69 -7.83 23.66
C LEU A 29 -12.30 -6.45 23.48
N ASN A 30 -13.62 -6.41 23.62
CA ASN A 30 -14.42 -5.24 23.42
C ASN A 30 -14.84 -4.68 24.76
N ARG A 31 -14.86 -3.37 24.85
CA ARG A 31 -15.45 -2.80 26.05
C ARG A 31 -14.97 -3.51 27.35
N ARG A 32 -13.65 -3.51 27.51
CA ARG A 32 -13.02 -3.39 28.79
C ARG A 32 -12.90 -1.85 28.85
N ALA A 33 -12.76 -1.22 30.01
CA ALA A 33 -12.69 0.26 30.00
C ALA A 33 -11.66 0.64 28.96
N ASN A 34 -11.94 1.72 28.23
CA ASN A 34 -11.06 2.21 27.16
C ASN A 34 -10.91 1.32 25.93
N ALA A 35 -11.94 0.54 25.66
CA ALA A 35 -12.07 -0.18 24.40
C ALA A 35 -13.46 0.17 23.88
N LEU A 36 -13.76 -0.08 22.61
CA LEU A 36 -15.10 0.22 22.13
C LEU A 36 -15.45 -0.37 20.78
N LEU A 37 -16.73 -0.66 20.60
CA LEU A 37 -17.31 -0.95 19.31
C LEU A 37 -18.42 0.04 19.21
N ALA A 38 -18.39 0.89 18.18
CA ALA A 38 -19.45 1.91 17.96
C ALA A 38 -20.04 1.89 16.56
N ASN A 39 -21.30 2.28 16.40
CA ASN A 39 -21.92 2.50 15.09
C ASN A 39 -21.82 1.36 14.07
N GLY A 40 -22.05 0.11 14.50
CA GLY A 40 -22.13 -1.00 13.56
C GLY A 40 -20.98 -1.99 13.56
N VAL A 41 -19.85 -1.63 14.15
CA VAL A 41 -18.69 -2.48 14.04
C VAL A 41 -18.88 -3.57 15.07
N GLU A 42 -18.51 -4.80 14.72
CA GLU A 42 -18.71 -5.96 15.56
C GLU A 42 -17.45 -6.82 15.70
N LEU A 43 -17.31 -7.50 16.83
CA LEU A 43 -16.21 -8.42 17.06
C LEU A 43 -16.80 -9.81 17.04
N ARG A 44 -16.47 -10.58 16.01
CA ARG A 44 -16.90 -11.96 15.85
C ARG A 44 -15.69 -12.82 15.49
N ASP A 45 -15.57 -13.96 16.12
CA ASP A 45 -14.46 -14.89 15.87
C ASP A 45 -13.10 -14.20 15.89
N ASN A 46 -12.90 -13.32 16.87
CA ASN A 46 -11.65 -12.57 17.02
C ASN A 46 -11.34 -11.63 15.84
N GLN A 47 -12.35 -11.31 15.04
CA GLN A 47 -12.18 -10.44 13.89
C GLN A 47 -13.13 -9.25 13.98
N LEU A 48 -12.79 -8.14 13.32
CA LEU A 48 -13.64 -6.98 13.27
C LEU A 48 -14.41 -7.03 11.97
N VAL A 49 -15.72 -6.84 12.08
CA VAL A 49 -16.62 -6.99 10.96
C VAL A 49 -17.08 -5.60 10.54
N VAL A 50 -16.81 -5.23 9.29
CA VAL A 50 -17.16 -3.89 8.80
C VAL A 50 -18.61 -3.80 8.33
N PRO A 51 -19.35 -2.82 8.86
CA PRO A 51 -20.79 -2.69 8.62
C PRO A 51 -21.19 -1.97 7.34
N SER A 52 -20.28 -1.23 6.72
CA SER A 52 -20.59 -0.49 5.49
C SER A 52 -19.33 -0.33 4.61
N GLU A 53 -19.55 -0.25 3.31
CA GLU A 53 -18.47 -0.11 2.31
C GLU A 53 -17.91 1.29 2.48
N GLY A 54 -16.61 1.47 2.29
CA GLY A 54 -16.00 2.80 2.39
C GLY A 54 -14.52 2.79 2.71
N LEU A 55 -13.96 3.99 2.95
CA LEU A 55 -12.55 4.12 3.31
C LEU A 55 -12.40 4.05 4.83
N TYR A 56 -11.41 3.29 5.28
CA TYR A 56 -11.14 3.17 6.71
C TYR A 56 -9.66 3.28 7.00
N LEU A 57 -9.34 3.96 8.11
CA LEU A 57 -8.02 3.85 8.67
C LEU A 57 -8.03 2.63 9.54
N ILE A 58 -7.05 1.76 9.34
CA ILE A 58 -6.90 0.57 10.14
C ILE A 58 -5.57 0.66 10.86
N TYR A 59 -5.52 0.23 12.12
CA TYR A 59 -4.25 0.27 12.87
C TYR A 59 -4.15 -0.84 13.92
N SER A 60 -2.93 -1.12 14.36
CA SER A 60 -2.76 -1.98 15.53
C SER A 60 -1.34 -1.92 16.02
N GLN A 61 -1.16 -2.33 17.27
CA GLN A 61 0.16 -2.44 17.82
C GLN A 61 0.23 -3.72 18.60
N VAL A 62 1.41 -4.32 18.61
CA VAL A 62 1.70 -5.40 19.53
C VAL A 62 3.06 -5.12 20.10
N LEU A 63 3.31 -5.69 21.26
CA LEU A 63 4.58 -5.59 21.91
C LEU A 63 5.13 -6.97 22.30
N PHE A 64 6.35 -7.25 21.86
CA PHE A 64 7.00 -8.49 22.15
C PHE A 64 8.06 -8.30 23.21
N LYS A 65 8.25 -9.28 24.07
CA LYS A 65 9.30 -9.19 25.06
C LYS A 65 9.97 -10.53 25.17
N GLY A 66 11.28 -10.54 25.23
CA GLY A 66 11.98 -11.79 25.42
C GLY A 66 13.04 -11.65 26.46
N GLN A 67 13.20 -12.71 27.24
CA GLN A 67 14.27 -12.81 28.22
C GLN A 67 15.43 -13.46 27.51
N GLY A 68 16.46 -12.67 27.25
CA GLY A 68 17.62 -13.18 26.56
C GLY A 68 17.35 -13.60 25.13
N CYS A 69 18.46 -13.71 24.43
CA CYS A 69 18.44 -14.01 23.06
C CYS A 69 19.30 -15.24 22.77
N PRO A 70 18.66 -16.42 22.81
CA PRO A 70 19.33 -17.68 22.65
C PRO A 70 19.64 -18.09 21.22
N SER A 71 18.90 -17.56 20.25
CA SER A 71 19.22 -17.75 18.84
C SER A 71 19.15 -16.39 18.16
N THR A 72 20.00 -16.18 17.17
CA THR A 72 19.95 -14.93 16.43
C THR A 72 18.72 -14.90 15.56
N HIS A 73 18.09 -16.05 15.30
CA HIS A 73 17.13 -16.20 14.21
C HIS A 73 15.70 -15.98 14.64
N VAL A 74 15.50 -15.47 15.84
CA VAL A 74 14.15 -15.12 16.24
C VAL A 74 13.48 -14.17 15.23
N LEU A 75 12.24 -14.44 14.85
CA LEU A 75 11.56 -13.61 13.89
C LEU A 75 10.20 -13.28 14.39
N LEU A 76 9.90 -11.99 14.47
CA LEU A 76 8.61 -11.54 14.95
C LEU A 76 7.80 -11.00 13.77
N THR A 77 6.53 -11.37 13.65
CA THR A 77 5.70 -10.78 12.63
C THR A 77 4.36 -10.36 13.15
N HIS A 78 3.79 -9.41 12.44
CA HIS A 78 2.49 -8.87 12.79
C HIS A 78 1.85 -8.50 11.49
N THR A 79 0.61 -8.93 11.27
CA THR A 79 -0.03 -8.61 10.03
C THR A 79 -1.53 -8.45 10.19
N ILE A 80 -2.07 -7.53 9.42
CA ILE A 80 -3.48 -7.29 9.40
C ILE A 80 -3.96 -7.73 8.04
N SER A 81 -4.99 -8.55 8.02
CA SER A 81 -5.49 -9.10 6.77
C SER A 81 -6.99 -8.88 6.70
N ARG A 82 -7.51 -9.11 5.52
CA ARG A 82 -8.89 -8.83 5.21
C ARG A 82 -9.47 -10.04 4.47
N ILE A 83 -10.68 -10.42 4.79
CA ILE A 83 -11.37 -11.47 4.04
C ILE A 83 -12.71 -11.00 3.52
N ALA A 84 -12.95 -11.19 2.23
CA ALA A 84 -14.20 -10.71 1.61
C ALA A 84 -15.34 -11.69 1.69
N VAL A 85 -16.57 -11.21 1.92
CA VAL A 85 -17.77 -12.09 1.90
C VAL A 85 -17.97 -12.74 0.52
N SER A 86 -17.58 -12.02 -0.52
CA SER A 86 -17.67 -12.52 -1.91
C SER A 86 -16.68 -13.65 -2.18
N TYR A 87 -15.42 -13.43 -1.83
CA TYR A 87 -14.42 -14.45 -1.92
C TYR A 87 -13.98 -14.75 -0.54
N GLN A 88 -14.06 -16.00 -0.12
CA GLN A 88 -13.64 -16.31 1.24
C GLN A 88 -12.14 -16.44 1.34
N THR A 89 -11.43 -15.44 0.81
CA THR A 89 -9.99 -15.52 0.65
C THR A 89 -9.30 -14.36 1.36
N LYS A 90 -8.18 -14.68 1.98
CA LYS A 90 -7.47 -13.79 2.89
C LYS A 90 -6.42 -12.99 2.15
N VAL A 91 -6.43 -11.67 2.30
CA VAL A 91 -5.44 -10.81 1.65
C VAL A 91 -4.80 -9.87 2.69
N ASN A 92 -3.47 -9.83 2.70
CA ASN A 92 -2.76 -8.99 3.62
C ASN A 92 -2.82 -7.53 3.23
N LEU A 93 -3.10 -6.68 4.20
CA LEU A 93 -3.15 -5.26 3.95
C LEU A 93 -1.90 -4.59 4.46
N LEU A 94 -1.47 -4.99 5.67
CA LEU A 94 -0.32 -4.40 6.32
C LEU A 94 0.41 -5.50 7.04
N SER A 95 1.73 -5.51 6.93
CA SER A 95 2.53 -6.50 7.63
C SER A 95 3.94 -5.97 7.84
N ALA A 96 4.53 -6.36 8.95
CA ALA A 96 5.92 -6.05 9.24
C ALA A 96 6.61 -7.25 9.89
N ILE A 97 7.94 -7.28 9.79
CA ILE A 97 8.74 -8.35 10.35
C ILE A 97 9.93 -7.71 11.07
N LYS A 98 10.35 -8.33 12.16
CA LYS A 98 11.40 -7.76 12.99
C LYS A 98 12.23 -8.90 13.61
N SER A 99 13.52 -8.69 13.74
CA SER A 99 14.40 -9.68 14.31
C SER A 99 15.15 -9.04 15.44
N PRO A 100 14.78 -9.35 16.68
CA PRO A 100 15.32 -8.60 17.81
C PRO A 100 16.72 -8.97 18.16
N CYS A 101 17.19 -10.10 17.62
CA CYS A 101 18.51 -10.60 17.94
C CYS A 101 19.57 -10.49 16.86
N GLN A 102 20.69 -9.85 17.20
CA GLN A 102 21.81 -9.60 16.30
C GLN A 102 23.01 -10.41 16.80
N ARG A 103 22.93 -10.88 18.04
CA ARG A 103 23.96 -11.73 18.65
C ARG A 103 23.35 -12.62 19.73
N GLU A 104 23.67 -13.91 19.76
CA GLU A 104 23.10 -14.79 20.80
C GLU A 104 23.73 -14.36 22.13
N THR A 105 22.99 -14.54 23.22
CA THR A 105 23.51 -14.26 24.54
C THR A 105 24.81 -15.04 24.73
N PRO A 106 25.95 -14.34 24.93
CA PRO A 106 27.08 -15.19 25.33
C PRO A 106 26.79 -15.69 26.74
N GLU A 107 26.55 -16.98 26.94
CA GLU A 107 26.18 -17.47 28.27
C GLU A 107 27.01 -16.74 29.32
N GLY A 108 28.29 -16.51 29.02
CA GLY A 108 29.13 -15.65 29.85
C GLY A 108 28.37 -14.49 30.46
N ALA A 109 27.49 -13.88 29.66
CA ALA A 109 26.51 -12.89 30.14
C ALA A 109 25.22 -13.61 30.59
N GLU A 110 24.25 -12.87 31.13
CA GLU A 110 23.08 -13.51 31.73
C GLU A 110 21.76 -12.74 31.61
N ALA A 111 20.89 -13.21 30.71
CA ALA A 111 19.40 -13.00 30.73
C ALA A 111 18.84 -11.54 30.70
N LYS A 112 19.32 -10.74 29.76
CA LYS A 112 18.87 -9.34 29.60
C LYS A 112 17.59 -9.30 28.76
N PRO A 113 16.51 -8.70 29.28
CA PRO A 113 15.27 -8.66 28.51
C PRO A 113 15.34 -7.72 27.28
N TRP A 114 14.64 -8.06 26.21
CA TRP A 114 14.54 -7.18 25.06
C TRP A 114 13.07 -6.94 24.76
N TYR A 115 12.80 -5.80 24.13
CA TYR A 115 11.45 -5.36 23.83
C TYR A 115 11.40 -4.93 22.37
N GLU A 116 10.34 -5.31 21.69
CA GLU A 116 10.11 -4.92 20.30
C GLU A 116 8.63 -4.63 20.03
N PRO A 117 8.32 -3.37 19.70
CA PRO A 117 6.97 -3.04 19.33
C PRO A 117 6.79 -3.09 17.82
N ILE A 118 5.59 -3.37 17.35
CA ILE A 118 5.32 -3.26 15.93
C ILE A 118 4.01 -2.53 15.83
N TYR A 119 4.01 -1.40 15.12
CA TYR A 119 2.79 -0.63 14.86
C TYR A 119 2.54 -0.59 13.37
N LEU A 120 1.29 -0.78 13.01
CA LEU A 120 0.85 -0.90 11.65
C LEU A 120 -0.32 -0.02 11.48
N GLY A 121 -0.42 0.62 10.32
CA GLY A 121 -1.57 1.47 10.06
C GLY A 121 -1.63 1.91 8.62
N GLY A 122 -2.84 2.16 8.14
CA GLY A 122 -2.99 2.63 6.76
C GLY A 122 -4.45 2.74 6.36
N VAL A 123 -4.68 3.27 5.16
CA VAL A 123 -6.04 3.55 4.72
C VAL A 123 -6.44 2.59 3.61
N PHE A 124 -7.64 2.03 3.73
CA PHE A 124 -8.12 1.03 2.76
C PHE A 124 -9.60 1.14 2.47
N GLN A 125 -9.94 0.81 1.23
CA GLN A 125 -11.32 0.63 0.80
C GLN A 125 -11.75 -0.76 1.24
N LEU A 126 -12.77 -0.82 2.10
CA LEU A 126 -13.38 -2.07 2.53
C LEU A 126 -14.83 -2.12 2.10
N GLU A 127 -15.34 -3.35 2.07
CA GLU A 127 -16.70 -3.65 1.59
C GLU A 127 -17.51 -4.07 2.80
N LYS A 128 -18.82 -3.94 2.73
CA LYS A 128 -19.68 -4.39 3.82
C LYS A 128 -19.51 -5.87 4.11
N GLY A 129 -19.33 -6.21 5.39
CA GLY A 129 -19.19 -7.59 5.79
C GLY A 129 -17.77 -8.13 5.82
N ASP A 130 -16.80 -7.33 5.33
CA ASP A 130 -15.40 -7.73 5.36
C ASP A 130 -15.02 -8.00 6.79
N ARG A 131 -14.13 -8.98 6.95
CA ARG A 131 -13.64 -9.37 8.26
C ARG A 131 -12.16 -9.10 8.35
N LEU A 132 -11.75 -8.47 9.43
CA LEU A 132 -10.38 -8.02 9.58
C LEU A 132 -9.67 -8.70 10.75
N SER A 133 -8.48 -9.21 10.49
CA SER A 133 -7.71 -9.92 11.51
C SER A 133 -6.39 -9.24 11.75
N ALA A 134 -6.00 -9.18 13.00
CA ALA A 134 -4.68 -8.75 13.36
C ALA A 134 -4.04 -9.92 14.06
N GLU A 135 -2.97 -10.44 13.49
CA GLU A 135 -2.36 -11.66 13.95
C GLU A 135 -0.86 -11.58 14.06
N ILE A 136 -0.31 -12.49 14.83
CA ILE A 136 1.15 -12.59 15.05
C ILE A 136 1.67 -14.02 15.00
N ASN A 137 2.96 -14.17 14.74
CA ASN A 137 3.51 -15.49 14.64
C ASN A 137 3.92 -16.07 16.01
N ARG A 138 4.26 -15.23 16.99
CA ARG A 138 4.77 -15.72 18.24
C ARG A 138 4.03 -15.21 19.49
N PRO A 139 2.82 -15.72 19.79
CA PRO A 139 2.10 -15.26 20.97
C PRO A 139 2.82 -15.60 22.23
N ASP A 140 3.79 -16.52 22.16
CA ASP A 140 4.60 -16.82 23.36
C ASP A 140 5.45 -15.60 23.82
N TYR A 141 5.71 -14.70 22.89
CA TYR A 141 6.60 -13.60 23.13
C TYR A 141 5.82 -12.32 23.34
N LEU A 142 4.50 -12.39 23.40
CA LEU A 142 3.68 -11.22 23.61
C LEU A 142 3.76 -10.71 25.02
N ASP A 143 3.65 -9.40 25.18
CA ASP A 143 3.73 -8.76 26.47
C ASP A 143 2.47 -7.91 26.69
N PHE A 144 1.60 -8.34 27.60
CA PHE A 144 0.48 -7.50 28.08
C PHE A 144 0.51 -7.32 29.59
N ALA A 145 1.73 -7.21 30.11
CA ALA A 145 1.94 -6.94 31.53
C ALA A 145 1.20 -5.66 31.89
N GLU A 146 1.00 -4.80 30.90
CA GLU A 146 0.42 -3.50 31.14
C GLU A 146 -0.61 -3.10 30.12
N SER A 147 -1.51 -2.22 30.55
CA SER A 147 -2.48 -1.56 29.68
C SER A 147 -1.84 -0.77 28.55
N GLY A 148 -2.54 -0.77 27.41
CA GLY A 148 -2.20 0.10 26.30
C GLY A 148 -1.03 -0.40 25.48
N GLN A 149 -0.61 -1.63 25.73
CA GLN A 149 0.48 -2.26 24.98
C GLN A 149 0.09 -2.96 23.67
N VAL A 150 -1.14 -3.43 23.57
CA VAL A 150 -1.56 -4.25 22.44
C VAL A 150 -3.01 -4.00 22.07
N TYR A 151 -3.25 -3.60 20.83
CA TYR A 151 -4.57 -3.15 20.41
C TYR A 151 -4.72 -3.15 18.89
N PHE A 152 -5.97 -2.98 18.44
CA PHE A 152 -6.35 -3.15 17.06
C PHE A 152 -7.59 -2.29 16.87
N GLY A 153 -7.62 -1.41 15.86
CA GLY A 153 -8.81 -0.57 15.66
C GLY A 153 -9.03 -0.08 14.25
N ILE A 154 -10.21 0.49 14.01
CA ILE A 154 -10.52 1.06 12.73
C ILE A 154 -11.39 2.29 12.90
N ILE A 155 -11.37 3.16 11.90
CA ILE A 155 -12.14 4.39 11.87
C ILE A 155 -12.58 4.68 10.46
N ALA A 156 -13.88 4.85 10.25
CA ALA A 156 -14.37 5.19 8.91
C ALA A 156 -14.03 6.65 8.60
N LEU A 157 -13.70 6.96 7.35
CA LEU A 157 -13.33 8.34 6.99
C LEU A 157 -14.50 9.24 6.62
N ASP B 10 -14.92 23.64 13.25
CA ASP B 10 -16.05 23.12 14.09
C ASP B 10 -15.63 22.08 15.16
N LYS B 11 -14.89 21.07 14.72
CA LYS B 11 -14.42 19.98 15.60
C LYS B 11 -13.10 20.30 16.32
N PRO B 12 -13.04 20.05 17.63
CA PRO B 12 -11.81 20.39 18.37
C PRO B 12 -10.63 19.58 17.87
N VAL B 13 -9.46 20.19 17.83
CA VAL B 13 -8.27 19.52 17.38
C VAL B 13 -7.00 20.14 17.96
N ALA B 14 -5.93 19.35 18.05
CA ALA B 14 -4.69 19.87 18.60
C ALA B 14 -3.50 19.11 18.11
N HIS B 15 -2.42 19.85 17.94
CA HIS B 15 -1.17 19.27 17.52
C HIS B 15 -0.12 20.13 18.16
N VAL B 16 0.58 19.55 19.11
CA VAL B 16 1.67 20.23 19.79
C VAL B 16 3.02 19.54 19.50
N VAL B 17 4.09 20.31 19.64
CA VAL B 17 5.42 19.83 19.37
C VAL B 17 6.35 20.08 20.54
N ALA B 18 7.40 19.30 20.55
CA ALA B 18 8.37 19.36 21.60
C ALA B 18 9.01 20.74 21.59
N ASN B 19 9.29 21.25 22.80
CA ASN B 19 10.15 22.38 22.94
C ASN B 19 11.60 21.91 22.94
N PRO B 20 12.31 22.15 21.85
CA PRO B 20 13.71 21.72 21.78
C PRO B 20 14.66 22.46 22.72
N GLN B 21 14.19 23.54 23.32
CA GLN B 21 15.01 24.34 24.24
C GLN B 21 15.05 23.67 25.59
N ALA B 22 14.00 22.96 25.91
CA ALA B 22 13.86 22.37 27.24
C ALA B 22 14.79 21.18 27.48
N GLU B 23 15.69 21.26 28.47
CA GLU B 23 16.58 20.14 28.81
C GLU B 23 16.01 19.24 29.91
N GLY B 24 16.14 17.92 29.73
CA GLY B 24 15.71 16.91 30.71
C GLY B 24 14.19 16.75 30.98
N GLN B 25 13.35 17.21 30.04
CA GLN B 25 11.97 16.90 30.04
C GLN B 25 11.44 17.06 28.58
N LEU B 26 10.31 16.44 28.37
CA LEU B 26 9.61 16.51 27.10
C LEU B 26 8.49 17.49 27.30
N GLN B 27 8.72 18.71 26.84
CA GLN B 27 7.79 19.79 27.11
C GLN B 27 7.08 20.18 25.85
N TRP B 28 5.77 20.10 25.87
CA TRP B 28 4.96 20.41 24.68
C TRP B 28 4.79 21.90 24.51
N LEU B 29 4.87 22.42 23.29
CA LEU B 29 4.90 23.89 23.13
C LEU B 29 3.56 24.55 23.06
N ASN B 30 3.43 25.69 23.74
CA ASN B 30 2.14 26.37 23.92
C ASN B 30 1.69 27.35 22.82
N ARG B 31 0.37 27.50 22.69
CA ARG B 31 -0.28 28.52 21.83
C ARG B 31 0.60 28.88 20.61
N LEU B 36 -1.67 26.22 16.42
CA LEU B 36 -1.53 24.81 16.75
C LEU B 36 -2.81 24.16 17.35
N LEU B 37 -3.26 24.62 18.52
CA LEU B 37 -4.34 23.96 19.30
C LEU B 37 -5.67 24.76 19.44
N ALA B 38 -6.77 24.24 18.88
CA ALA B 38 -7.93 25.09 18.55
C ALA B 38 -9.29 24.52 18.90
N ASN B 39 -10.30 25.38 19.02
CA ASN B 39 -11.69 24.93 19.06
C ASN B 39 -11.98 24.28 20.42
N GLY B 40 -11.34 24.85 21.44
CA GLY B 40 -11.55 24.41 22.81
C GLY B 40 -10.42 23.64 23.45
N VAL B 41 -9.48 23.12 22.66
CA VAL B 41 -8.46 22.24 23.23
C VAL B 41 -7.39 23.15 23.77
N GLU B 42 -6.91 22.84 24.96
CA GLU B 42 -5.89 23.64 25.59
C GLU B 42 -4.74 22.81 26.12
N LEU B 43 -3.63 23.48 26.29
CA LEU B 43 -2.45 22.90 26.86
C LEU B 43 -2.29 23.52 28.25
N ARG B 44 -2.49 22.71 29.28
CA ARG B 44 -2.28 23.10 30.67
C ARG B 44 -1.39 22.07 31.36
N ASP B 45 -0.38 22.56 32.07
CA ASP B 45 0.53 21.69 32.81
C ASP B 45 1.10 20.56 31.94
N ASN B 46 1.46 20.90 30.71
CA ASN B 46 2.01 19.95 29.74
C ASN B 46 1.05 18.84 29.36
N GLN B 47 -0.24 19.05 29.60
CA GLN B 47 -1.25 18.08 29.25
C GLN B 47 -2.27 18.74 28.31
N LEU B 48 -2.95 17.91 27.51
CA LEU B 48 -3.99 18.39 26.65
C LEU B 48 -5.30 18.15 27.35
N VAL B 49 -6.12 19.20 27.39
CA VAL B 49 -7.38 19.18 28.12
C VAL B 49 -8.54 19.12 27.16
N VAL B 50 -9.34 18.09 27.28
CA VAL B 50 -10.42 17.88 26.32
C VAL B 50 -11.67 18.67 26.67
N PRO B 51 -12.17 19.47 25.70
CA PRO B 51 -13.26 20.42 25.96
C PRO B 51 -14.67 19.85 25.89
N SER B 52 -14.85 18.69 25.28
CA SER B 52 -16.16 18.07 25.15
C SER B 52 -16.03 16.54 25.12
N GLU B 53 -17.06 15.87 25.59
CA GLU B 53 -17.09 14.43 25.62
C GLU B 53 -17.20 13.95 24.18
N GLY B 54 -16.62 12.79 23.85
CA GLY B 54 -16.73 12.24 22.48
C GLY B 54 -15.59 11.34 22.08
N LEU B 55 -15.58 10.94 20.82
CA LEU B 55 -14.53 10.05 20.31
C LEU B 55 -13.41 10.88 19.75
N TYR B 56 -12.18 10.49 20.08
CA TYR B 56 -11.00 11.18 19.60
C TYR B 56 -9.96 10.23 19.11
N LEU B 57 -9.31 10.60 18.01
CA LEU B 57 -8.06 9.95 17.67
C LEU B 57 -7.00 10.67 18.47
N ILE B 58 -6.18 9.91 19.16
CA ILE B 58 -5.04 10.43 19.87
C ILE B 58 -3.76 9.87 19.26
N TYR B 59 -2.72 10.69 19.11
CA TYR B 59 -1.45 10.21 18.53
C TYR B 59 -0.23 10.91 19.03
N SER B 60 0.93 10.29 18.86
CA SER B 60 2.17 11.00 19.11
C SER B 60 3.35 10.25 18.56
N GLN B 61 4.46 10.95 18.39
CA GLN B 61 5.70 10.29 18.04
C GLN B 61 6.83 10.93 18.83
N VAL B 62 7.83 10.14 19.15
CA VAL B 62 9.08 10.66 19.68
C VAL B 62 10.20 9.95 18.94
N LEU B 63 11.36 10.60 18.88
CA LEU B 63 12.55 10.01 18.30
C LEU B 63 13.71 10.01 19.28
N PHE B 64 14.33 8.85 19.48
CA PHE B 64 15.49 8.71 20.36
C PHE B 64 16.75 8.54 19.55
N LYS B 65 17.86 9.08 20.04
CA LYS B 65 19.12 8.92 19.34
C LYS B 65 20.21 8.69 20.36
N GLY B 66 21.07 7.70 20.12
CA GLY B 66 22.17 7.45 21.04
C GLY B 66 23.47 7.14 20.32
N GLN B 67 24.60 7.41 21.00
CA GLN B 67 25.94 7.12 20.47
C GLN B 67 26.49 5.83 21.06
N GLY B 68 26.63 4.82 20.21
CA GLY B 68 27.07 3.51 20.64
C GLY B 68 26.05 2.92 21.60
N CYS B 69 26.31 1.69 22.03
CA CYS B 69 25.46 0.98 22.94
C CYS B 69 26.32 0.78 24.16
N PRO B 70 26.08 1.55 25.22
CA PRO B 70 26.96 1.44 26.36
C PRO B 70 26.80 0.07 27.05
N SER B 71 25.56 -0.45 27.12
CA SER B 71 25.24 -1.72 27.82
C SER B 71 23.83 -2.00 27.28
N THR B 72 23.44 -3.27 27.12
CA THR B 72 22.09 -3.61 26.57
C THR B 72 20.93 -3.31 27.53
N HIS B 73 21.24 -2.93 28.75
CA HIS B 73 20.25 -2.47 29.77
C HIS B 73 19.32 -1.28 29.36
N VAL B 74 19.63 -0.58 28.27
CA VAL B 74 18.88 0.61 27.84
C VAL B 74 17.44 0.31 27.42
N LEU B 75 16.49 1.01 28.03
CA LEU B 75 15.09 0.82 27.69
C LEU B 75 14.47 2.16 27.41
N LEU B 76 13.76 2.25 26.29
CA LEU B 76 13.08 3.47 25.92
C LEU B 76 11.61 3.24 26.09
N THR B 77 10.90 4.15 26.71
CA THR B 77 9.44 4.03 26.74
C THR B 77 8.75 5.32 26.35
N HIS B 78 7.53 5.16 25.88
CA HIS B 78 6.69 6.26 25.46
C HIS B 78 5.28 5.86 25.74
N THR B 79 4.53 6.68 26.43
CA THR B 79 3.19 6.27 26.77
C THR B 79 2.26 7.49 26.85
N ILE B 80 1.02 7.28 26.43
CA ILE B 80 0.00 8.29 26.48
C ILE B 80 -0.99 7.82 27.51
N SER B 81 -1.30 8.68 28.46
CA SER B 81 -2.22 8.32 29.52
C SER B 81 -3.34 9.36 29.63
N ARG B 82 -4.35 9.01 30.39
CA ARG B 82 -5.55 9.82 30.56
C ARG B 82 -5.86 9.91 32.05
N ILE B 83 -6.25 11.09 32.54
CA ILE B 83 -6.78 11.21 33.91
C ILE B 83 -8.18 11.74 33.81
N ALA B 84 -9.16 10.93 34.21
CA ALA B 84 -10.57 11.32 34.13
C ALA B 84 -10.84 12.24 35.28
N VAL B 85 -11.63 13.28 35.06
CA VAL B 85 -12.02 14.18 36.16
C VAL B 85 -12.78 13.43 37.24
N SER B 86 -13.54 12.42 36.81
CA SER B 86 -14.25 11.54 37.72
C SER B 86 -13.29 10.61 38.47
N TYR B 87 -12.43 9.92 37.71
CA TYR B 87 -11.47 8.93 38.22
C TYR B 87 -10.31 9.55 38.99
N GLN B 88 -9.76 10.64 38.47
CA GLN B 88 -8.59 11.29 39.08
C GLN B 88 -7.44 10.31 39.25
N THR B 89 -7.42 9.25 38.44
CA THR B 89 -6.35 8.28 38.47
C THR B 89 -5.87 8.01 37.05
N LYS B 90 -4.58 7.91 36.92
CA LYS B 90 -3.95 7.88 35.63
C LYS B 90 -4.12 6.49 35.01
N VAL B 91 -4.58 6.42 33.77
CA VAL B 91 -4.73 5.14 33.10
C VAL B 91 -4.04 5.24 31.73
N ASN B 92 -3.21 4.25 31.42
CA ASN B 92 -2.51 4.18 30.12
C ASN B 92 -3.41 3.78 28.98
N LEU B 93 -3.37 4.57 27.91
CA LEU B 93 -4.21 4.28 26.77
C LEU B 93 -3.38 3.57 25.71
N LEU B 94 -2.16 4.07 25.50
CA LEU B 94 -1.27 3.60 24.47
C LEU B 94 0.15 3.65 25.04
N SER B 95 0.92 2.58 24.86
CA SER B 95 2.24 2.52 25.43
C SER B 95 3.14 1.50 24.74
N ALA B 96 4.42 1.85 24.57
CA ALA B 96 5.36 0.99 23.90
C ALA B 96 6.73 1.07 24.54
N ILE B 97 7.51 0.00 24.36
CA ILE B 97 8.83 -0.12 24.96
C ILE B 97 9.78 -0.63 23.90
N LYS B 98 11.03 -0.19 23.95
CA LYS B 98 11.97 -0.52 22.92
C LYS B 98 13.34 -0.59 23.53
N SER B 99 14.16 -1.53 23.09
CA SER B 99 15.53 -1.61 23.58
C SER B 99 16.40 -1.55 22.37
N PRO B 100 17.12 -0.45 22.17
CA PRO B 100 17.93 -0.29 20.97
C PRO B 100 19.29 -1.00 20.99
N CYS B 101 19.82 -1.30 22.18
CA CYS B 101 21.26 -1.58 22.26
C CYS B 101 21.59 -3.06 22.05
N GLN B 102 21.53 -3.44 20.78
CA GLN B 102 21.79 -4.83 20.39
C GLN B 102 23.28 -4.95 20.35
N ARG B 103 23.84 -6.11 20.72
CA ARG B 103 25.28 -6.33 20.62
C ARG B 103 26.02 -5.13 21.22
N GLU B 104 25.77 -4.96 22.52
CA GLU B 104 26.16 -3.77 23.25
C GLU B 104 27.60 -3.78 23.72
N THR B 105 28.33 -2.67 23.56
CA THR B 105 29.61 -2.50 24.24
C THR B 105 29.43 -2.78 25.77
N ALA B 111 32.12 4.02 17.73
CA ALA B 111 30.84 4.28 18.38
C ALA B 111 29.80 4.64 17.33
N LYS B 112 29.01 3.65 16.92
CA LYS B 112 28.00 3.83 15.88
C LYS B 112 26.72 4.43 16.46
N PRO B 113 26.27 5.58 15.94
CA PRO B 113 25.03 6.16 16.45
C PRO B 113 23.79 5.30 16.11
N TRP B 114 22.79 5.30 16.99
CA TRP B 114 21.55 4.59 16.70
C TRP B 114 20.34 5.51 16.81
N TYR B 115 19.29 5.14 16.10
CA TYR B 115 18.06 5.89 16.04
C TYR B 115 16.87 4.98 16.32
N GLU B 116 15.92 5.46 17.11
CA GLU B 116 14.71 4.71 17.41
C GLU B 116 13.48 5.60 17.53
N PRO B 117 12.54 5.46 16.62
CA PRO B 117 11.28 6.15 16.77
C PRO B 117 10.24 5.35 17.53
N ILE B 118 9.32 6.01 18.22
CA ILE B 118 8.15 5.33 18.74
C ILE B 118 6.91 6.15 18.39
N TYR B 119 5.97 5.55 17.67
CA TYR B 119 4.73 6.21 17.31
C TYR B 119 3.56 5.42 17.83
N LEU B 120 2.59 6.16 18.31
CA LEU B 120 1.46 5.63 19.03
C LEU B 120 0.22 6.32 18.47
N GLY B 121 -0.89 5.61 18.38
CA GLY B 121 -2.13 6.23 17.97
C GLY B 121 -3.32 5.31 18.11
N GLY B 122 -4.50 5.87 18.32
CA GLY B 122 -5.70 5.07 18.50
C GLY B 122 -6.92 5.90 18.84
N VAL B 123 -8.08 5.26 18.90
CA VAL B 123 -9.35 5.97 19.11
C VAL B 123 -9.96 5.68 20.47
N PHE B 124 -10.35 6.74 21.16
CA PHE B 124 -10.87 6.62 22.53
C PHE B 124 -12.03 7.56 22.80
N GLN B 125 -12.96 7.06 23.61
CA GLN B 125 -14.04 7.87 24.18
C GLN B 125 -13.46 8.62 25.37
N LEU B 126 -13.48 9.94 25.28
CA LEU B 126 -13.02 10.81 26.37
C LEU B 126 -14.18 11.67 26.84
N GLU B 127 -14.03 12.17 28.06
CA GLU B 127 -15.04 12.93 28.76
C GLU B 127 -14.57 14.37 28.82
N LYS B 128 -15.49 15.31 28.96
CA LYS B 128 -15.11 16.71 29.11
C LYS B 128 -14.19 16.90 30.32
N GLY B 129 -13.08 17.63 30.15
CA GLY B 129 -12.17 17.91 31.25
C GLY B 129 -11.05 16.88 31.46
N ASP B 130 -11.10 15.77 30.73
CA ASP B 130 -10.04 14.78 30.80
C ASP B 130 -8.72 15.43 30.43
N ARG B 131 -7.66 14.97 31.05
CA ARG B 131 -6.33 15.47 30.77
C ARG B 131 -5.48 14.35 30.18
N LEU B 132 -4.76 14.67 29.11
CA LEU B 132 -3.95 13.67 28.40
C LEU B 132 -2.48 13.98 28.45
N SER B 133 -1.68 12.98 28.81
CA SER B 133 -0.21 13.15 28.87
C SER B 133 0.52 12.24 27.90
N ALA B 134 1.57 12.76 27.28
CA ALA B 134 2.45 11.95 26.48
C ALA B 134 3.78 12.08 27.10
N GLU B 135 4.28 10.96 27.62
CA GLU B 135 5.54 10.96 28.41
C GLU B 135 6.55 9.92 27.97
N ILE B 136 7.80 10.16 28.33
CA ILE B 136 8.89 9.24 28.09
C ILE B 136 9.79 9.03 29.32
N ASN B 137 10.55 7.95 29.33
CA ASN B 137 11.42 7.72 30.45
C ASN B 137 12.79 8.38 30.31
N ARG B 138 13.27 8.59 29.10
CA ARG B 138 14.65 9.07 28.92
C ARG B 138 14.79 10.33 28.04
N PRO B 139 14.48 11.50 28.59
CA PRO B 139 14.56 12.73 27.80
C PRO B 139 15.99 13.05 27.42
N ASP B 140 16.96 12.41 28.08
CA ASP B 140 18.37 12.60 27.70
C ASP B 140 18.68 12.04 26.31
N TYR B 141 17.85 11.12 25.83
CA TYR B 141 18.08 10.41 24.58
C TYR B 141 17.19 10.93 23.45
N LEU B 142 16.45 12.00 23.71
CA LEU B 142 15.54 12.55 22.71
C LEU B 142 16.32 13.19 21.58
N ASP B 143 15.80 13.13 20.36
CA ASP B 143 16.44 13.72 19.17
C ASP B 143 15.53 14.76 18.53
N PHE B 144 16.06 15.98 18.47
CA PHE B 144 15.38 17.09 17.81
C PHE B 144 16.00 17.45 16.47
N ALA B 145 16.91 16.63 15.93
CA ALA B 145 17.57 17.02 14.68
C ALA B 145 16.66 16.91 13.50
N GLU B 146 15.66 16.02 13.58
CA GLU B 146 14.64 15.96 12.52
C GLU B 146 13.49 16.80 12.99
N SER B 147 13.26 17.91 12.30
CA SER B 147 12.20 18.88 12.61
C SER B 147 10.76 18.41 12.49
N GLY B 148 9.93 18.72 13.49
CA GLY B 148 8.48 18.54 13.39
C GLY B 148 8.05 17.12 13.58
N GLN B 149 9.03 16.29 13.94
CA GLN B 149 8.90 14.87 14.06
C GLN B 149 8.65 14.38 15.52
N VAL B 150 8.74 15.22 16.58
CA VAL B 150 8.35 14.84 17.97
C VAL B 150 7.10 15.65 18.25
N TYR B 151 5.98 14.98 18.49
CA TYR B 151 4.70 15.67 18.55
C TYR B 151 3.65 14.81 19.20
N PHE B 152 2.51 15.44 19.48
CA PHE B 152 1.42 14.87 20.28
C PHE B 152 0.15 15.57 19.88
N GLY B 153 -0.90 14.84 19.51
CA GLY B 153 -2.12 15.54 19.06
C GLY B 153 -3.39 14.77 19.27
N ILE B 154 -4.52 15.44 19.05
CA ILE B 154 -5.80 14.77 19.06
C ILE B 154 -6.73 15.40 18.06
N ILE B 155 -7.77 14.66 17.67
CA ILE B 155 -8.75 15.08 16.68
C ILE B 155 -10.08 14.48 17.01
N ALA B 156 -11.10 15.31 17.17
CA ALA B 156 -12.42 14.80 17.47
C ALA B 156 -13.02 14.18 16.21
N LEU B 157 -13.75 13.09 16.34
CA LEU B 157 -14.31 12.42 15.15
C LEU B 157 -15.69 12.85 14.71
N ALA C 1 8.30 20.57 9.57
CA ALA C 1 7.13 21.29 10.16
C ALA C 1 5.96 20.35 10.47
N CYS C 2 5.34 19.82 9.42
CA CYS C 2 4.36 18.74 9.53
C CYS C 2 4.60 17.57 8.58
N PRO C 3 5.43 16.59 8.98
CA PRO C 3 5.85 15.54 8.08
C PRO C 3 4.78 14.53 7.84
N PRO C 4 5.06 13.61 6.93
CA PRO C 4 4.00 12.65 6.70
C PRO C 4 3.90 11.70 7.89
N CYS C 5 2.68 11.34 8.26
CA CYS C 5 2.42 10.30 9.26
C CYS C 5 1.15 9.50 8.91
N LEU C 6 0.96 8.37 9.58
CA LEU C 6 -0.12 7.43 9.29
C LEU C 6 -1.54 8.00 9.49
N TRP C 7 -1.70 8.99 10.37
CA TRP C 7 -3.04 9.53 10.68
C TRP C 7 -3.42 10.82 9.90
N GLN C 8 -2.49 11.39 9.15
CA GLN C 8 -2.68 12.76 8.67
C GLN C 8 -3.99 12.96 7.88
N VAL C 9 -4.40 11.92 7.19
CA VAL C 9 -5.65 11.94 6.44
C VAL C 9 -6.85 12.41 7.28
N LEU C 10 -6.83 12.20 8.58
CA LEU C 10 -7.96 12.62 9.44
C LEU C 10 -7.91 14.05 9.92
N CYS C 11 -6.83 14.75 9.66
CA CYS C 11 -6.73 16.15 10.08
C CYS C 11 -6.48 17.08 8.92
N GLY C 12 -6.74 16.62 7.70
CA GLY C 12 -6.85 17.51 6.53
C GLY C 12 -5.86 17.29 5.39
N ALA D 1 -16.46 11.51 -26.79
CA ALA D 1 -15.07 11.94 -27.15
C ALA D 1 -14.00 11.29 -26.24
N CYS D 2 -13.93 11.74 -24.98
CA CYS D 2 -12.86 11.33 -24.05
C CYS D 2 -13.37 10.99 -22.64
N PRO D 3 -13.88 9.76 -22.43
CA PRO D 3 -14.32 9.32 -21.10
C PRO D 3 -13.14 9.10 -20.14
N PRO D 4 -13.43 8.86 -18.84
CA PRO D 4 -12.32 8.76 -17.90
C PRO D 4 -11.54 7.46 -18.05
N CYS D 5 -10.21 7.57 -17.94
CA CYS D 5 -9.31 6.41 -17.89
C CYS D 5 -8.14 6.65 -16.93
N LEU D 6 -7.43 5.58 -16.59
CA LEU D 6 -6.36 5.69 -15.59
C LEU D 6 -5.31 6.74 -15.96
N TRP D 7 -4.94 6.83 -17.23
CA TRP D 7 -3.76 7.59 -17.56
C TRP D 7 -4.07 9.07 -17.82
N GLN D 8 -5.36 9.44 -17.81
CA GLN D 8 -5.75 10.77 -18.33
C GLN D 8 -5.03 11.93 -17.66
N VAL D 9 -4.71 11.77 -16.39
CA VAL D 9 -3.93 12.75 -15.65
C VAL D 9 -2.65 13.19 -16.40
N LEU D 10 -2.06 12.33 -17.22
CA LEU D 10 -0.83 12.71 -17.95
C LEU D 10 -1.08 13.48 -19.25
N CYS D 11 -2.34 13.59 -19.66
CA CYS D 11 -2.74 14.43 -20.78
C CYS D 11 -3.90 15.33 -20.36
N GLY D 12 -4.24 15.29 -19.08
CA GLY D 12 -5.52 15.79 -18.62
C GLY D 12 -5.43 17.30 -18.60
N SER E 9 14.64 14.23 -20.60
CA SER E 9 13.64 14.29 -19.50
C SER E 9 14.22 13.72 -18.21
N ASP E 10 14.36 14.54 -17.18
CA ASP E 10 14.82 14.06 -15.87
C ASP E 10 13.78 13.15 -15.14
N LYS E 11 12.50 13.40 -15.37
CA LYS E 11 11.41 12.75 -14.55
C LYS E 11 11.59 11.23 -14.48
N PRO E 12 11.66 10.66 -13.26
CA PRO E 12 11.96 9.23 -13.12
C PRO E 12 10.85 8.32 -13.66
N VAL E 13 11.23 7.24 -14.32
CA VAL E 13 10.27 6.29 -14.88
C VAL E 13 10.88 4.91 -14.99
N ALA E 14 10.03 3.91 -15.08
CA ALA E 14 10.51 2.53 -15.19
C ALA E 14 9.46 1.63 -15.78
N HIS E 15 9.94 0.64 -16.53
CA HIS E 15 9.08 -0.37 -17.12
C HIS E 15 9.90 -1.63 -17.24
N VAL E 16 9.54 -2.62 -16.43
CA VAL E 16 10.24 -3.89 -16.37
C VAL E 16 9.32 -5.00 -16.81
N VAL E 17 9.93 -6.08 -17.30
CA VAL E 17 9.17 -7.20 -17.85
C VAL E 17 9.58 -8.51 -17.21
N ALA E 18 8.67 -9.47 -17.31
CA ALA E 18 8.92 -10.78 -16.77
C ALA E 18 10.08 -11.43 -17.49
N ASN E 19 10.93 -12.10 -16.75
CA ASN E 19 11.90 -12.99 -17.34
C ASN E 19 11.25 -14.33 -17.72
N PRO E 20 11.03 -14.58 -19.03
CA PRO E 20 10.39 -15.84 -19.45
C PRO E 20 11.25 -17.09 -19.26
N GLN E 21 12.52 -16.92 -18.91
CA GLN E 21 13.40 -18.06 -18.62
C GLN E 21 13.27 -18.53 -17.19
N ALA E 22 12.79 -17.66 -16.31
CA ALA E 22 12.55 -18.02 -14.92
C ALA E 22 11.28 -18.88 -14.81
N GLU E 23 11.46 -20.20 -14.74
CA GLU E 23 10.30 -21.10 -14.73
C GLU E 23 9.69 -21.05 -13.35
N GLY E 24 8.37 -20.90 -13.29
CA GLY E 24 7.63 -20.84 -12.01
C GLY E 24 8.00 -19.71 -11.06
N GLN E 25 8.33 -18.55 -11.60
CA GLN E 25 8.69 -17.40 -10.77
C GLN E 25 8.39 -16.13 -11.54
N LEU E 26 7.98 -15.08 -10.83
CA LEU E 26 7.73 -13.81 -11.48
C LEU E 26 8.95 -12.94 -11.22
N GLN E 27 9.91 -13.01 -12.12
CA GLN E 27 11.16 -12.28 -11.97
C GLN E 27 11.24 -11.12 -12.96
N TRP E 28 11.35 -9.91 -12.43
CA TRP E 28 11.36 -8.70 -13.27
C TRP E 28 12.73 -8.45 -13.87
N LEU E 29 12.74 -7.99 -15.12
CA LEU E 29 13.95 -7.69 -15.87
C LEU E 29 13.86 -6.34 -16.54
N ASN E 30 14.97 -5.61 -16.54
CA ASN E 30 15.05 -4.25 -17.07
C ASN E 30 16.00 -4.13 -18.26
N ARG E 31 17.08 -4.91 -18.20
CA ARG E 31 18.06 -4.92 -19.27
C ARG E 31 17.64 -5.89 -20.34
N ARG E 32 16.67 -5.43 -21.12
CA ARG E 32 16.15 -6.17 -22.24
C ARG E 32 15.47 -5.18 -23.17
N ALA E 33 15.09 -5.61 -24.35
CA ALA E 33 14.50 -4.67 -25.29
C ALA E 33 13.18 -4.14 -24.81
N ASN E 34 12.98 -2.83 -24.98
CA ASN E 34 11.73 -2.15 -24.63
C ASN E 34 11.40 -2.05 -23.14
N ALA E 35 12.43 -2.22 -22.31
CA ALA E 35 12.29 -2.17 -20.87
C ALA E 35 13.22 -1.06 -20.44
N LEU E 36 13.03 -0.48 -19.27
CA LEU E 36 13.91 0.61 -18.89
C LEU E 36 13.83 1.05 -17.44
N LEU E 37 14.89 1.71 -16.98
CA LEU E 37 14.95 2.26 -15.61
C LEU E 37 14.66 3.75 -15.38
N ALA E 38 15.09 4.65 -16.25
CA ALA E 38 14.97 6.10 -16.02
C ALA E 38 15.93 6.64 -14.92
N ASN E 39 17.05 5.95 -14.88
CA ASN E 39 18.26 6.49 -14.26
C ASN E 39 18.20 6.52 -12.74
N GLY E 40 17.26 7.28 -12.16
CA GLY E 40 17.08 7.25 -10.69
C GLY E 40 16.34 6.01 -10.20
N VAL E 41 15.46 5.45 -11.03
CA VAL E 41 14.66 4.31 -10.59
C VAL E 41 15.55 3.11 -10.72
N GLU E 42 15.49 2.22 -9.74
CA GLU E 42 16.37 1.06 -9.66
C GLU E 42 15.58 -0.24 -9.42
N LEU E 43 16.10 -1.34 -9.92
CA LEU E 43 15.54 -2.64 -9.63
C LEU E 43 16.51 -3.32 -8.65
N ARG E 44 16.06 -3.55 -7.42
CA ARG E 44 16.79 -4.26 -6.39
C ARG E 44 15.89 -5.31 -5.76
N ASP E 45 16.40 -6.54 -5.61
CA ASP E 45 15.65 -7.63 -5.00
C ASP E 45 14.26 -7.80 -5.60
N ASN E 46 14.18 -7.71 -6.93
CA ASN E 46 12.93 -7.84 -7.66
C ASN E 46 11.90 -6.75 -7.31
N GLN E 47 12.35 -5.64 -6.75
CA GLN E 47 11.50 -4.51 -6.42
C GLN E 47 11.98 -3.26 -7.13
N LEU E 48 11.07 -2.31 -7.34
CA LEU E 48 11.41 -1.00 -7.88
C LEU E 48 11.59 -0.01 -6.74
N VAL E 49 12.72 0.69 -6.77
CA VAL E 49 13.13 1.60 -5.70
C VAL E 49 12.95 3.04 -6.16
N VAL E 50 12.12 3.80 -5.44
CA VAL E 50 11.80 5.19 -5.83
C VAL E 50 12.87 6.18 -5.34
N PRO E 51 13.40 7.00 -6.27
CA PRO E 51 14.53 7.90 -6.00
C PRO E 51 14.18 9.25 -5.38
N SER E 52 12.91 9.65 -5.46
CA SER E 52 12.48 10.93 -4.92
C SER E 52 11.02 10.84 -4.48
N GLU E 53 10.68 11.66 -3.50
CA GLU E 53 9.32 11.73 -2.98
C GLU E 53 8.44 12.34 -4.06
N GLY E 54 7.18 11.94 -4.16
CA GLY E 54 6.24 12.57 -5.09
C GLY E 54 5.08 11.68 -5.48
N LEU E 55 4.30 12.14 -6.44
CA LEU E 55 3.18 11.38 -6.95
C LEU E 55 3.67 10.52 -8.09
N TYR E 56 3.20 9.27 -8.13
CA TYR E 56 3.55 8.34 -9.20
C TYR E 56 2.36 7.58 -9.69
N LEU E 57 2.28 7.38 -11.00
CA LEU E 57 1.36 6.39 -11.54
C LEU E 57 2.09 5.07 -11.47
N ILE E 58 1.45 4.08 -10.90
CA ILE E 58 2.02 2.75 -10.82
C ILE E 58 1.11 1.81 -11.59
N TYR E 59 1.69 0.87 -12.35
CA TYR E 59 0.86 -0.08 -13.12
C TYR E 59 1.51 -1.45 -13.31
N SER E 60 0.70 -2.45 -13.62
CA SER E 60 1.27 -3.73 -14.07
C SER E 60 0.23 -4.59 -14.68
N GLN E 61 0.68 -5.59 -15.43
CA GLN E 61 -0.22 -6.57 -15.99
C GLN E 61 0.42 -7.92 -15.86
N VAL E 62 -0.40 -8.92 -15.67
CA VAL E 62 0.03 -10.29 -15.78
C VAL E 62 -1.06 -11.02 -16.55
N LEU E 63 -0.66 -12.13 -17.16
CA LEU E 63 -1.55 -12.96 -17.91
C LEU E 63 -1.41 -14.42 -17.48
N PHE E 64 -2.54 -14.99 -17.11
CA PHE E 64 -2.59 -16.38 -16.68
C PHE E 64 -3.18 -17.23 -17.79
N LYS E 65 -2.70 -18.45 -17.92
CA LYS E 65 -3.27 -19.33 -18.91
C LYS E 65 -3.41 -20.69 -18.29
N GLY E 66 -4.53 -21.36 -18.52
CA GLY E 66 -4.68 -22.74 -18.05
C GLY E 66 -5.31 -23.62 -19.08
N GLN E 67 -4.93 -24.91 -19.08
CA GLN E 67 -5.47 -25.86 -20.06
C GLN E 67 -6.69 -26.49 -19.43
N GLY E 68 -7.87 -26.17 -19.96
CA GLY E 68 -9.08 -26.75 -19.44
C GLY E 68 -9.23 -26.37 -17.99
N CYS E 69 -10.24 -26.91 -17.35
CA CYS E 69 -10.36 -26.71 -15.92
C CYS E 69 -10.44 -27.91 -15.02
N PRO E 70 -9.43 -28.07 -14.14
CA PRO E 70 -9.42 -29.20 -13.23
C PRO E 70 -10.38 -28.98 -12.07
N SER E 71 -10.49 -27.75 -11.58
CA SER E 71 -11.30 -27.44 -10.43
C SER E 71 -12.02 -26.10 -10.59
N THR E 72 -13.15 -25.93 -9.94
CA THR E 72 -13.75 -24.59 -9.80
C THR E 72 -12.85 -23.71 -8.92
N HIS E 73 -12.20 -24.32 -7.93
CA HIS E 73 -11.52 -23.61 -6.86
C HIS E 73 -10.05 -23.35 -7.23
N VAL E 74 -9.86 -22.75 -8.40
CA VAL E 74 -8.65 -22.01 -8.73
C VAL E 74 -8.84 -20.49 -8.57
N LEU E 75 -7.89 -19.87 -7.89
CA LEU E 75 -7.96 -18.43 -7.66
C LEU E 75 -6.69 -17.82 -8.14
N LEU E 76 -6.81 -16.76 -8.93
CA LEU E 76 -5.65 -16.03 -9.42
C LEU E 76 -5.59 -14.69 -8.72
N THR E 77 -4.42 -14.31 -8.22
CA THR E 77 -4.30 -12.97 -7.61
C THR E 77 -3.09 -12.25 -8.11
N HIS E 78 -3.20 -10.93 -8.08
CA HIS E 78 -2.12 -10.05 -8.50
C HIS E 78 -2.19 -8.83 -7.62
N THR E 79 -1.07 -8.43 -7.03
CA THR E 79 -1.12 -7.31 -6.12
C THR E 79 0.18 -6.52 -6.13
N ILE E 80 0.04 -5.19 -6.02
CA ILE E 80 1.20 -4.31 -5.96
C ILE E 80 1.26 -3.75 -4.55
N SER E 81 2.42 -3.82 -3.91
CA SER E 81 2.59 -3.33 -2.56
C SER E 81 3.77 -2.38 -2.45
N ARG E 82 3.82 -1.70 -1.32
CA ARG E 82 4.79 -0.67 -1.06
C ARG E 82 5.37 -0.90 0.33
N ILE E 83 6.68 -0.73 0.47
CA ILE E 83 7.29 -0.78 1.78
C ILE E 83 7.93 0.57 1.98
N ALA E 84 7.48 1.32 2.99
CA ALA E 84 8.09 2.59 3.29
C ALA E 84 9.37 2.41 4.09
N VAL E 85 10.40 3.15 3.74
CA VAL E 85 11.67 3.17 4.49
C VAL E 85 11.42 3.66 5.95
N SER E 86 10.49 4.58 6.10
CA SER E 86 10.14 5.16 7.40
C SER E 86 9.45 4.17 8.31
N TYR E 87 8.41 3.51 7.81
CA TYR E 87 7.63 2.55 8.59
C TYR E 87 8.03 1.04 8.46
N GLN E 88 8.89 0.65 7.50
CA GLN E 88 9.30 -0.74 7.35
C GLN E 88 8.08 -1.66 7.42
N THR E 89 6.99 -1.22 6.80
CA THR E 89 5.77 -2.04 6.66
C THR E 89 5.33 -2.20 5.17
N LYS E 90 4.96 -3.43 4.81
CA LYS E 90 4.37 -3.75 3.53
C LYS E 90 2.88 -3.38 3.56
N VAL E 91 2.48 -2.54 2.63
CA VAL E 91 1.09 -2.14 2.49
C VAL E 91 0.65 -2.31 1.03
N ASN E 92 -0.48 -2.97 0.84
CA ASN E 92 -1.11 -3.23 -0.44
C ASN E 92 -1.68 -1.94 -1.04
N LEU E 93 -1.32 -1.62 -2.27
CA LEU E 93 -1.81 -0.41 -2.92
C LEU E 93 -2.91 -0.75 -3.89
N LEU E 94 -2.70 -1.80 -4.66
CA LEU E 94 -3.63 -2.24 -5.72
C LEU E 94 -3.63 -3.75 -5.76
N SER E 95 -4.81 -4.35 -5.87
CA SER E 95 -4.93 -5.79 -5.84
C SER E 95 -6.21 -6.29 -6.46
N ALA E 96 -6.15 -7.39 -7.18
CA ALA E 96 -7.34 -7.99 -7.80
C ALA E 96 -7.30 -9.52 -7.73
N ILE E 97 -8.48 -10.12 -7.82
CA ILE E 97 -8.65 -11.56 -7.70
C ILE E 97 -9.57 -12.00 -8.81
N LYS E 98 -9.33 -13.19 -9.33
CA LYS E 98 -10.09 -13.69 -10.44
C LYS E 98 -10.19 -15.20 -10.33
N SER E 99 -11.35 -15.76 -10.66
CA SER E 99 -11.50 -17.22 -10.65
C SER E 99 -11.94 -17.57 -12.05
N PRO E 100 -11.06 -18.18 -12.84
CA PRO E 100 -11.37 -18.42 -14.24
C PRO E 100 -12.34 -19.55 -14.46
N CYS E 101 -12.57 -20.38 -13.45
CA CYS E 101 -13.52 -21.42 -13.62
C CYS E 101 -14.72 -21.53 -12.68
N GLN E 102 -15.89 -21.63 -13.30
CA GLN E 102 -17.15 -21.85 -12.63
C GLN E 102 -17.75 -23.16 -13.12
N ARG E 103 -16.91 -24.00 -13.76
CA ARG E 103 -17.35 -25.23 -14.44
C ARG E 103 -16.32 -26.35 -14.26
N GLU E 104 -16.75 -27.61 -14.34
CA GLU E 104 -15.76 -28.69 -14.23
C GLU E 104 -14.69 -28.45 -15.27
N THR E 105 -15.09 -28.42 -16.54
CA THR E 105 -14.12 -28.17 -17.59
C THR E 105 -14.69 -28.42 -18.98
N LYS E 112 -9.41 -27.22 -23.95
CA LYS E 112 -10.13 -25.96 -23.71
C LYS E 112 -9.25 -25.00 -22.89
N PRO E 113 -8.31 -24.30 -23.56
CA PRO E 113 -7.48 -23.36 -22.80
C PRO E 113 -8.27 -22.13 -22.35
N TRP E 114 -7.90 -21.56 -21.21
CA TRP E 114 -8.51 -20.30 -20.79
C TRP E 114 -7.40 -19.30 -20.55
N TYR E 115 -7.76 -18.03 -20.70
CA TYR E 115 -6.84 -16.92 -20.52
C TYR E 115 -7.47 -15.90 -19.59
N GLU E 116 -6.66 -15.36 -18.67
CA GLU E 116 -7.12 -14.32 -17.73
C GLU E 116 -6.05 -13.27 -17.50
N PRO E 117 -6.30 -12.06 -17.98
CA PRO E 117 -5.39 -10.97 -17.72
C PRO E 117 -5.79 -10.18 -16.49
N ILE E 118 -4.83 -9.61 -15.79
CA ILE E 118 -5.17 -8.75 -14.69
C ILE E 118 -4.29 -7.55 -14.91
N TYR E 119 -4.92 -6.38 -15.04
CA TYR E 119 -4.21 -5.10 -15.10
C TYR E 119 -4.60 -4.23 -13.90
N LEU E 120 -3.60 -3.58 -13.35
CA LEU E 120 -3.70 -2.81 -12.12
C LEU E 120 -3.01 -1.51 -12.36
N GLY E 121 -3.56 -0.43 -11.80
CA GLY E 121 -2.91 0.86 -11.97
C GLY E 121 -3.55 1.90 -11.09
N GLY E 122 -2.78 2.91 -10.71
CA GLY E 122 -3.32 4.01 -9.91
C GLY E 122 -2.26 4.99 -9.50
N VAL E 123 -2.68 6.07 -8.86
CA VAL E 123 -1.75 7.15 -8.50
C VAL E 123 -1.52 7.19 -7.00
N PHE E 124 -0.26 7.29 -6.61
CA PHE E 124 0.11 7.26 -5.19
C PHE E 124 1.23 8.21 -4.84
N GLN E 125 1.14 8.75 -3.62
CA GLN E 125 2.23 9.50 -3.02
C GLN E 125 3.24 8.52 -2.45
N LEU E 126 4.46 8.57 -2.96
CA LEU E 126 5.54 7.74 -2.44
C LEU E 126 6.64 8.64 -1.90
N GLU E 127 7.47 8.04 -1.07
CA GLU E 127 8.58 8.72 -0.40
C GLU E 127 9.87 8.22 -0.99
N LYS E 128 10.94 8.98 -0.84
CA LYS E 128 12.26 8.54 -1.33
C LYS E 128 12.67 7.23 -0.68
N GLY E 129 13.11 6.25 -1.48
CA GLY E 129 13.57 4.97 -0.95
C GLY E 129 12.52 3.89 -0.84
N ASP E 130 11.25 4.25 -1.07
CA ASP E 130 10.17 3.26 -1.02
C ASP E 130 10.47 2.16 -2.02
N ARG E 131 10.05 0.95 -1.67
CA ARG E 131 10.26 -0.20 -2.51
C ARG E 131 8.91 -0.73 -2.92
N LEU E 132 8.77 -1.02 -4.22
CA LEU E 132 7.50 -1.48 -4.78
C LEU E 132 7.57 -2.89 -5.37
N SER E 133 6.60 -3.72 -5.03
CA SER E 133 6.58 -5.09 -5.47
C SER E 133 5.30 -5.44 -6.21
N ALA E 134 5.43 -6.21 -7.28
CA ALA E 134 4.27 -6.71 -8.01
C ALA E 134 4.34 -8.22 -7.95
N GLU E 135 3.35 -8.82 -7.31
CA GLU E 135 3.39 -10.26 -7.01
C GLU E 135 2.11 -11.00 -7.37
N ILE E 136 2.22 -12.31 -7.52
CA ILE E 136 1.11 -13.18 -7.82
C ILE E 136 1.08 -14.41 -6.96
N ASN E 137 -0.06 -15.07 -6.87
CA ASN E 137 -0.13 -16.28 -6.09
C ASN E 137 0.26 -17.53 -6.89
N ARG E 138 0.05 -17.54 -8.21
CA ARG E 138 0.26 -18.78 -8.98
C ARG E 138 1.21 -18.62 -10.17
N PRO E 139 2.52 -18.52 -9.94
CA PRO E 139 3.48 -18.43 -11.06
C PRO E 139 3.45 -19.63 -11.99
N ASP E 140 2.87 -20.74 -11.52
CA ASP E 140 2.68 -21.93 -12.36
C ASP E 140 1.69 -21.70 -13.53
N TYR E 141 0.82 -20.72 -13.40
CA TYR E 141 -0.19 -20.43 -14.39
C TYR E 141 0.13 -19.22 -15.25
N LEU E 142 1.33 -18.69 -15.09
CA LEU E 142 1.70 -17.49 -15.83
C LEU E 142 1.93 -17.82 -17.27
N ASP E 143 1.64 -16.87 -18.14
CA ASP E 143 1.88 -17.04 -19.55
C ASP E 143 2.83 -15.94 -20.06
N PHE E 144 4.07 -16.30 -20.41
CA PHE E 144 4.93 -15.38 -21.14
C PHE E 144 5.43 -16.04 -22.40
N ALA E 145 4.52 -16.75 -23.07
CA ALA E 145 4.76 -17.32 -24.40
C ALA E 145 5.14 -16.24 -25.36
N GLU E 146 4.68 -15.02 -25.08
CA GLU E 146 4.88 -13.91 -25.98
C GLU E 146 5.31 -12.64 -25.26
N SER E 147 6.05 -11.81 -25.99
CA SER E 147 6.41 -10.47 -25.55
C SER E 147 5.20 -9.62 -25.18
N GLY E 148 5.41 -8.77 -24.18
CA GLY E 148 4.46 -7.70 -23.86
C GLY E 148 3.25 -8.16 -23.07
N GLN E 149 3.32 -9.40 -22.61
CA GLN E 149 2.23 -9.99 -21.82
C GLN E 149 2.27 -9.70 -20.31
N VAL E 150 3.46 -9.44 -19.77
CA VAL E 150 3.63 -9.29 -18.35
C VAL E 150 4.65 -8.23 -18.02
N TYR E 151 4.25 -7.22 -17.24
CA TYR E 151 5.10 -6.05 -16.99
C TYR E 151 4.64 -5.27 -15.76
N PHE E 152 5.50 -4.35 -15.35
CA PHE E 152 5.36 -3.61 -14.10
C PHE E 152 6.10 -2.29 -14.29
N GLY E 153 5.47 -1.14 -14.02
CA GLY E 153 6.17 0.13 -14.22
C GLY E 153 5.69 1.26 -13.35
N ILE E 154 6.42 2.37 -13.38
CA ILE E 154 6.00 3.59 -12.70
C ILE E 154 6.41 4.81 -13.49
N ILE E 155 5.74 5.92 -13.23
CA ILE E 155 6.02 7.20 -13.87
C ILE E 155 5.76 8.32 -12.87
N ALA E 156 6.75 9.18 -12.67
CA ALA E 156 6.56 10.33 -11.78
C ALA E 156 5.67 11.38 -12.44
N LEU E 157 4.81 12.02 -11.69
CA LEU E 157 3.94 13.04 -12.26
C LEU E 157 4.54 14.46 -12.16
N SER F 9 9.08 23.23 -24.55
CA SER F 9 8.38 22.87 -25.83
C SER F 9 6.91 22.38 -25.68
N ASP F 10 6.22 22.41 -26.80
CA ASP F 10 5.04 21.57 -26.99
C ASP F 10 5.61 20.17 -26.85
N LYS F 11 4.96 19.32 -26.06
CA LYS F 11 5.32 17.91 -26.04
C LYS F 11 4.44 17.09 -26.96
N PRO F 12 5.06 16.35 -27.90
CA PRO F 12 4.25 15.65 -28.87
C PRO F 12 3.22 14.75 -28.18
N VAL F 13 2.03 14.69 -28.75
CA VAL F 13 0.99 13.89 -28.16
C VAL F 13 -0.05 13.46 -29.19
N ALA F 14 -0.78 12.37 -28.91
CA ALA F 14 -1.78 11.90 -29.83
C ALA F 14 -2.82 11.04 -29.15
N HIS F 15 -4.04 11.14 -29.66
CA HIS F 15 -5.13 10.35 -29.19
C HIS F 15 -6.03 10.17 -30.40
N VAL F 16 -6.08 8.95 -30.90
CA VAL F 16 -6.92 8.62 -32.02
C VAL F 16 -8.01 7.64 -31.61
N VAL F 17 -9.09 7.64 -32.40
CA VAL F 17 -10.24 6.80 -32.11
C VAL F 17 -10.64 5.95 -33.31
N ALA F 18 -11.36 4.89 -33.01
CA ALA F 18 -11.81 3.97 -34.03
C ALA F 18 -12.77 4.67 -34.96
N ASN F 19 -12.66 4.36 -36.24
CA ASN F 19 -13.70 4.70 -37.18
C ASN F 19 -14.82 3.68 -37.14
N PRO F 20 -15.97 4.04 -36.53
CA PRO F 20 -17.09 3.09 -36.45
C PRO F 20 -17.77 2.75 -37.79
N GLN F 21 -17.43 3.50 -38.85
CA GLN F 21 -17.98 3.29 -40.17
C GLN F 21 -17.20 2.22 -40.92
N ALA F 22 -15.95 1.99 -40.52
CA ALA F 22 -15.12 0.98 -41.16
C ALA F 22 -15.62 -0.41 -40.74
N GLU F 23 -16.14 -1.18 -41.69
CA GLU F 23 -16.78 -2.46 -41.38
C GLU F 23 -15.74 -3.55 -41.28
N GLY F 24 -15.75 -4.28 -40.16
CA GLY F 24 -14.78 -5.36 -39.91
C GLY F 24 -13.31 -4.94 -39.92
N GLN F 25 -13.01 -3.76 -39.41
CA GLN F 25 -11.64 -3.27 -39.44
C GLN F 25 -11.40 -2.31 -38.28
N LEU F 26 -10.18 -2.29 -37.75
CA LEU F 26 -9.83 -1.36 -36.70
C LEU F 26 -9.09 -0.21 -37.32
N GLN F 27 -9.82 0.82 -37.72
CA GLN F 27 -9.20 1.93 -38.42
C GLN F 27 -9.18 3.16 -37.56
N TRP F 28 -7.99 3.67 -37.29
CA TRP F 28 -7.82 4.84 -36.42
C TRP F 28 -8.06 6.15 -37.15
N LEU F 29 -8.62 7.13 -36.46
CA LEU F 29 -8.66 8.50 -36.99
C LEU F 29 -8.57 9.59 -35.93
N ASN F 30 -8.25 10.81 -36.37
CA ASN F 30 -8.11 11.96 -35.44
C ASN F 30 -9.40 12.54 -34.77
N ARG F 31 -10.43 12.81 -35.55
CA ARG F 31 -11.73 13.27 -35.02
C ARG F 31 -11.61 14.45 -34.02
N ASN F 39 -0.69 17.52 -31.81
CA ASN F 39 0.10 18.46 -32.62
C ASN F 39 1.42 17.93 -33.21
N GLY F 40 2.17 17.13 -32.45
CA GLY F 40 3.51 16.67 -32.88
C GLY F 40 3.56 15.41 -33.74
N VAL F 41 2.51 14.60 -33.71
CA VAL F 41 2.61 13.21 -34.15
C VAL F 41 1.58 12.85 -35.21
N GLU F 42 1.97 11.99 -36.16
CA GLU F 42 1.15 11.76 -37.34
C GLU F 42 0.59 10.36 -37.41
N LEU F 43 -0.51 10.26 -38.14
CA LEU F 43 -1.17 9.02 -38.39
C LEU F 43 -0.91 8.70 -39.86
N ARG F 44 -0.10 7.67 -40.11
CA ARG F 44 0.20 7.18 -41.46
C ARG F 44 -0.03 5.68 -41.50
N ASP F 45 -0.72 5.22 -42.52
CA ASP F 45 -0.99 3.80 -42.69
C ASP F 45 -1.55 3.15 -41.42
N ASN F 46 -2.47 3.84 -40.77
CA ASN F 46 -3.10 3.37 -39.53
C ASN F 46 -2.14 3.19 -38.36
N GLN F 47 -0.97 3.82 -38.46
CA GLN F 47 0.04 3.74 -37.40
C GLN F 47 0.37 5.14 -36.92
N LEU F 48 0.87 5.23 -35.69
CA LEU F 48 1.32 6.50 -35.14
C LEU F 48 2.83 6.59 -35.31
N VAL F 49 3.26 7.71 -35.86
CA VAL F 49 4.65 7.91 -36.20
C VAL F 49 5.26 8.86 -35.21
N VAL F 50 6.31 8.42 -34.54
CA VAL F 50 6.94 9.25 -33.51
C VAL F 50 7.97 10.24 -34.09
N PRO F 51 7.80 11.55 -33.80
CA PRO F 51 8.63 12.61 -34.38
C PRO F 51 9.99 12.86 -33.72
N SER F 52 10.18 12.38 -32.50
CA SER F 52 11.44 12.59 -31.79
C SER F 52 11.73 11.41 -30.88
N GLU F 53 13.02 11.15 -30.67
CA GLU F 53 13.46 10.10 -29.78
C GLU F 53 13.10 10.51 -28.35
N GLY F 54 12.75 9.56 -27.49
CA GLY F 54 12.43 9.87 -26.08
C GLY F 54 11.52 8.88 -25.40
N LEU F 55 11.09 9.20 -24.19
CA LEU F 55 10.21 8.34 -23.42
C LEU F 55 8.79 8.71 -23.71
N TYR F 56 7.95 7.70 -23.90
CA TYR F 56 6.54 7.93 -24.15
C TYR F 56 5.68 6.99 -23.34
N LEU F 57 4.56 7.51 -22.85
CA LEU F 57 3.51 6.64 -22.38
C LEU F 57 2.70 6.27 -23.59
N ILE F 58 2.44 4.98 -23.75
CA ILE F 58 1.59 4.50 -24.81
C ILE F 58 0.38 3.81 -24.19
N TYR F 59 -0.79 3.99 -24.79
CA TYR F 59 -2.00 3.33 -24.27
C TYR F 59 -3.08 3.03 -25.32
N SER F 60 -4.01 2.16 -24.97
CA SER F 60 -5.17 1.97 -25.82
C SER F 60 -6.22 1.13 -25.12
N GLN F 61 -7.44 1.21 -25.63
CA GLN F 61 -8.49 0.34 -25.18
C GLN F 61 -9.31 -0.12 -26.37
N VAL F 62 -9.85 -1.34 -26.29
CA VAL F 62 -10.85 -1.81 -27.22
C VAL F 62 -11.93 -2.51 -26.41
N LEU F 63 -13.13 -2.55 -26.98
CA LEU F 63 -14.27 -3.25 -26.39
C LEU F 63 -14.87 -4.29 -27.35
N PHE F 64 -15.02 -5.52 -26.88
CA PHE F 64 -15.62 -6.60 -27.67
C PHE F 64 -17.02 -6.92 -27.17
N LYS F 65 -17.94 -7.28 -28.07
CA LYS F 65 -19.30 -7.67 -27.67
C LYS F 65 -19.69 -8.89 -28.45
N GLY F 66 -20.28 -9.88 -27.79
CA GLY F 66 -20.77 -11.06 -28.50
C GLY F 66 -22.08 -11.61 -27.94
N GLN F 67 -22.82 -12.31 -28.79
CA GLN F 67 -24.09 -12.96 -28.42
C GLN F 67 -23.98 -14.46 -28.52
N GLY F 68 -24.13 -15.15 -27.39
CA GLY F 68 -24.17 -16.60 -27.33
C GLY F 68 -22.81 -17.26 -27.34
N CYS F 69 -22.08 -17.17 -28.45
CA CYS F 69 -20.70 -17.70 -28.59
C CYS F 69 -20.62 -18.75 -29.72
N SER F 71 -19.74 -22.43 -32.51
CA SER F 71 -19.04 -23.16 -31.44
C SER F 71 -17.53 -22.91 -31.36
N THR F 72 -16.98 -21.97 -32.13
CA THR F 72 -15.53 -21.90 -32.29
C THR F 72 -14.89 -21.33 -31.05
N HIS F 73 -13.57 -21.48 -30.96
CA HIS F 73 -12.84 -20.91 -29.84
C HIS F 73 -12.94 -19.39 -29.94
N VAL F 74 -13.52 -18.75 -28.94
CA VAL F 74 -13.50 -17.32 -28.83
C VAL F 74 -12.23 -16.93 -28.05
N LEU F 75 -11.27 -16.41 -28.79
CA LEU F 75 -10.12 -15.80 -28.17
C LEU F 75 -10.09 -14.39 -28.67
N LEU F 76 -9.97 -13.44 -27.76
CA LEU F 76 -9.84 -12.06 -28.13
C LEU F 76 -8.42 -11.61 -27.84
N THR F 77 -7.79 -10.91 -28.77
CA THR F 77 -6.47 -10.35 -28.48
C THR F 77 -6.38 -8.89 -28.88
N HIS F 78 -5.48 -8.19 -28.21
CA HIS F 78 -5.22 -6.80 -28.46
C HIS F 78 -3.75 -6.58 -28.18
N THR F 79 -3.04 -5.97 -29.12
CA THR F 79 -1.62 -5.80 -28.91
C THR F 79 -1.11 -4.53 -29.58
N ILE F 80 -0.15 -3.90 -28.92
CA ILE F 80 0.49 -2.71 -29.43
C ILE F 80 1.89 -3.12 -29.78
N SER F 81 2.32 -2.81 -30.99
CA SER F 81 3.65 -3.17 -31.43
C SER F 81 4.40 -1.95 -31.98
N ARG F 82 5.69 -2.12 -32.16
CA ARG F 82 6.58 -1.04 -32.54
C ARG F 82 7.44 -1.56 -33.69
N ILE F 83 7.63 -0.75 -34.73
CA ILE F 83 8.54 -1.09 -35.80
C ILE F 83 9.62 -0.04 -35.83
N ALA F 84 10.84 -0.56 -35.67
CA ALA F 84 12.04 0.23 -35.47
C ALA F 84 12.51 0.86 -36.77
N VAL F 85 12.98 2.11 -36.67
CA VAL F 85 13.59 2.81 -37.80
C VAL F 85 14.79 2.01 -38.34
N SER F 86 15.53 1.36 -37.43
CA SER F 86 16.64 0.48 -37.78
C SER F 86 15.88 -0.77 -38.25
N TYR F 87 15.51 -0.72 -39.54
CA TYR F 87 14.09 -0.94 -39.92
C TYR F 87 13.39 -2.30 -39.76
N GLN F 88 12.11 -2.22 -39.40
CA GLN F 88 11.10 -3.25 -39.62
C GLN F 88 11.38 -4.60 -38.94
N THR F 89 11.88 -4.51 -37.72
CA THR F 89 11.61 -5.57 -36.77
C THR F 89 10.32 -5.12 -36.08
N LYS F 90 9.19 -5.80 -36.33
CA LYS F 90 7.97 -5.60 -35.51
C LYS F 90 8.15 -6.30 -34.17
N VAL F 91 7.99 -5.56 -33.08
CA VAL F 91 8.16 -6.09 -31.74
C VAL F 91 6.97 -5.68 -30.87
N ASN F 92 6.36 -6.64 -30.18
CA ASN F 92 5.25 -6.36 -29.28
C ASN F 92 5.70 -5.67 -27.99
N LEU F 93 5.01 -4.59 -27.64
CA LEU F 93 5.34 -3.83 -26.45
C LEU F 93 4.38 -4.20 -25.34
N LEU F 94 3.11 -4.30 -25.69
CA LEU F 94 2.04 -4.58 -24.75
C LEU F 94 1.04 -5.48 -25.44
N SER F 95 0.58 -6.52 -24.75
CA SER F 95 -0.37 -7.46 -25.35
C SER F 95 -1.17 -8.26 -24.33
N ALA F 96 -2.45 -8.47 -24.60
CA ALA F 96 -3.31 -9.24 -23.71
C ALA F 96 -4.26 -10.15 -24.49
N ILE F 97 -4.73 -11.20 -23.83
CA ILE F 97 -5.59 -12.21 -24.43
C ILE F 97 -6.71 -12.51 -23.45
N LYS F 98 -7.90 -12.78 -23.98
CA LYS F 98 -9.08 -13.02 -23.15
C LYS F 98 -9.94 -14.04 -23.83
N SER F 99 -10.58 -14.89 -23.04
CA SER F 99 -11.55 -15.82 -23.59
C SER F 99 -12.85 -15.58 -22.84
N PRO F 100 -13.85 -15.00 -23.50
CA PRO F 100 -15.07 -14.60 -22.80
C PRO F 100 -16.01 -15.74 -22.49
N CYS F 101 -15.84 -16.88 -23.15
CA CYS F 101 -16.78 -17.98 -23.00
C CYS F 101 -16.33 -19.18 -22.18
N GLN F 102 -17.18 -19.56 -21.22
CA GLN F 102 -16.89 -20.73 -20.39
C GLN F 102 -17.24 -21.97 -21.18
N ARG F 103 -18.05 -21.79 -22.21
CA ARG F 103 -18.48 -22.87 -23.12
C ARG F 103 -19.73 -23.54 -22.55
N PRO F 113 -25.08 -12.62 -24.71
CA PRO F 113 -24.71 -11.22 -24.75
C PRO F 113 -23.63 -10.92 -23.74
N TRP F 114 -22.39 -10.83 -24.19
CA TRP F 114 -21.28 -10.61 -23.28
C TRP F 114 -20.44 -9.44 -23.77
N TYR F 115 -19.73 -8.83 -22.82
CA TYR F 115 -18.88 -7.67 -23.08
C TYR F 115 -17.51 -7.91 -22.48
N GLU F 116 -16.46 -7.54 -23.21
CA GLU F 116 -15.08 -7.68 -22.74
C GLU F 116 -14.19 -6.51 -23.19
N PRO F 117 -13.70 -5.73 -22.22
CA PRO F 117 -12.77 -4.66 -22.54
C PRO F 117 -11.33 -5.11 -22.40
N ILE F 118 -10.42 -4.53 -23.17
CA ILE F 118 -9.03 -4.78 -22.96
C ILE F 118 -8.36 -3.44 -23.00
N TYR F 119 -7.68 -3.08 -21.92
CA TYR F 119 -6.91 -1.84 -21.84
C TYR F 119 -5.47 -2.11 -21.51
N LEU F 120 -4.59 -1.34 -22.12
CA LEU F 120 -3.19 -1.59 -21.91
C LEU F 120 -2.43 -0.30 -22.08
N GLY F 121 -1.28 -0.26 -21.43
CA GLY F 121 -0.55 0.99 -21.27
C GLY F 121 0.80 0.78 -20.62
N GLY F 122 1.77 1.64 -20.95
CA GLY F 122 3.11 1.52 -20.36
C GLY F 122 4.09 2.53 -20.94
N VAL F 123 5.28 2.57 -20.39
CA VAL F 123 6.28 3.56 -20.78
C VAL F 123 7.41 2.94 -21.55
N PHE F 124 7.75 3.55 -22.68
CA PHE F 124 8.81 3.02 -23.56
C PHE F 124 9.70 4.12 -24.15
N GLN F 125 10.98 3.76 -24.30
CA GLN F 125 11.94 4.55 -25.08
C GLN F 125 11.72 4.25 -26.57
N LEU F 126 11.35 5.30 -27.32
CA LEU F 126 11.16 5.18 -28.76
C LEU F 126 12.14 6.09 -29.47
N GLU F 127 12.37 5.78 -30.74
CA GLU F 127 13.35 6.47 -31.58
C GLU F 127 12.58 7.27 -32.60
N LYS F 128 13.18 8.32 -33.14
CA LYS F 128 12.53 9.11 -34.19
C LYS F 128 12.14 8.24 -35.37
N GLY F 129 10.89 8.37 -35.84
CA GLY F 129 10.43 7.62 -37.01
C GLY F 129 9.80 6.27 -36.71
N ASP F 130 9.88 5.81 -35.46
CA ASP F 130 9.26 4.55 -35.07
C ASP F 130 7.78 4.63 -35.38
N ARG F 131 7.22 3.48 -35.74
CA ARG F 131 5.82 3.38 -36.08
C ARG F 131 5.15 2.45 -35.10
N LEU F 132 3.99 2.89 -34.60
CA LEU F 132 3.28 2.14 -33.57
C LEU F 132 1.91 1.67 -34.05
N SER F 133 1.62 0.38 -33.83
CA SER F 133 0.34 -0.19 -34.23
C SER F 133 -0.44 -0.72 -33.05
N ALA F 134 -1.74 -0.52 -33.07
CA ALA F 134 -2.63 -1.14 -32.10
C ALA F 134 -3.57 -1.99 -32.89
N GLU F 135 -3.50 -3.29 -32.67
CA GLU F 135 -4.22 -4.27 -33.48
C GLU F 135 -4.99 -5.30 -32.67
N ILE F 136 -5.99 -5.90 -33.31
CA ILE F 136 -6.80 -6.94 -32.72
C ILE F 136 -7.00 -8.14 -33.65
N ASN F 137 -7.36 -9.28 -33.10
CA ASN F 137 -7.57 -10.43 -33.95
C ASN F 137 -9.00 -10.51 -34.50
N ARG F 138 -9.99 -9.98 -33.79
CA ARG F 138 -11.39 -10.20 -34.20
C ARG F 138 -12.18 -8.90 -34.36
N PRO F 139 -11.96 -8.16 -35.46
CA PRO F 139 -12.71 -6.92 -35.68
C PRO F 139 -14.20 -7.13 -35.85
N ASP F 140 -14.60 -8.38 -36.10
CA ASP F 140 -16.04 -8.70 -36.19
C ASP F 140 -16.76 -8.62 -34.83
N TYR F 141 -16.00 -8.69 -33.75
CA TYR F 141 -16.55 -8.68 -32.39
C TYR F 141 -16.44 -7.33 -31.72
N LEU F 142 -15.99 -6.34 -32.47
CA LEU F 142 -15.73 -5.04 -31.98
C LEU F 142 -17.04 -4.28 -31.78
N PHE F 144 -18.77 -0.44 -30.38
CA PHE F 144 -18.70 0.97 -30.68
C PHE F 144 -19.83 1.68 -29.97
N ALA F 145 -20.47 1.00 -29.03
CA ALA F 145 -21.75 1.42 -28.47
C ALA F 145 -21.65 2.72 -27.70
N GLU F 146 -20.49 2.98 -27.08
CA GLU F 146 -20.33 4.15 -26.25
C GLU F 146 -19.19 4.98 -26.79
N SER F 147 -19.38 6.29 -26.80
CA SER F 147 -18.39 7.23 -27.32
C SER F 147 -17.06 7.20 -26.62
N GLY F 148 -16.00 7.42 -27.41
CA GLY F 148 -14.68 7.71 -26.90
C GLY F 148 -13.96 6.49 -26.35
N GLN F 149 -14.58 5.32 -26.51
CA GLN F 149 -14.18 4.11 -25.78
C GLN F 149 -13.11 3.23 -26.43
N VAL F 150 -13.03 3.23 -27.75
CA VAL F 150 -12.01 2.45 -28.48
C VAL F 150 -11.05 3.50 -28.94
N TYR F 151 -9.81 3.42 -28.47
CA TYR F 151 -8.85 4.49 -28.71
C TYR F 151 -7.42 4.01 -28.48
N PHE F 152 -6.49 4.86 -28.91
CA PHE F 152 -5.07 4.55 -29.00
C PHE F 152 -4.32 5.89 -28.91
N GLY F 153 -3.37 6.04 -28.00
CA GLY F 153 -2.67 7.32 -27.89
C GLY F 153 -1.27 7.24 -27.34
N ILE F 154 -0.55 8.35 -27.39
CA ILE F 154 0.77 8.44 -26.80
C ILE F 154 1.00 9.84 -26.27
N ILE F 155 1.94 9.97 -25.33
CA ILE F 155 2.26 11.25 -24.72
C ILE F 155 3.74 11.24 -24.37
N ALA F 156 4.48 12.22 -24.86
CA ALA F 156 5.91 12.29 -24.56
C ALA F 156 6.09 12.74 -23.12
N LEU F 157 7.12 12.22 -22.46
CA LEU F 157 7.38 12.59 -21.07
C LEU F 157 8.45 13.66 -20.91
#